data_2GNT
#
_entry.id   2GNT
#
_cell.length_a   57.192
_cell.length_b   83.682
_cell.length_c   123.830
_cell.angle_alpha   90.00
_cell.angle_beta   90.00
_cell.angle_gamma   90.00
#
_symmetry.space_group_name_H-M   'P 21 21 21'
#
loop_
_entity.id
_entity.type
_entity.pdbx_description
1 polymer lectin
2 non-polymer 'CALCIUM ION'
3 water water
#
_entity_poly.entity_id   1
_entity_poly.type   'polypeptide(L)'
_entity_poly.pdbx_seq_one_letter_code
;(PCA)DSLSFGFPTFPSDQKNLIFQGDAQIKNNAVQLTKTDSNGNPVASTVGRILFSAQVHLWEKSSSRVANFQSQFSFS
LKSPLSNGADGIAFFIAPPDTTIPSGSGGGLLGLFAPGTAQNTSANQVIAVEFDTFYAQDSNTWDPNYPHIGIDVNSIRS
VKTVKWDRRDGQSLNVLVTFNPSTRNLDVVATYSDGTRYEVSYEVDVRSVLPEWVRVGFSAASGEQYQTHTLESWSFTST
LLYTAQKKGENLALEM
;
_entity_poly.pdbx_strand_id   A,B
#
loop_
_chem_comp.id
_chem_comp.type
_chem_comp.name
_chem_comp.formula
CA non-polymer 'CALCIUM ION' 'Ca 2'
#
# COMPACT_ATOMS: atom_id res chain seq x y z
N PCA A 1 1.04 6.99 5.99
CA PCA A 1 -0.33 7.49 5.68
CB PCA A 1 -0.78 6.79 4.41
CG PCA A 1 0.07 5.56 4.30
CD PCA A 1 1.33 5.81 5.11
OE PCA A 1 2.24 4.98 5.11
C PCA A 1 -1.31 7.22 6.81
O PCA A 1 -1.22 6.21 7.50
N ASP A 2 -2.27 8.14 6.98
CA ASP A 2 -3.30 8.01 8.00
C ASP A 2 -4.30 6.92 7.60
N SER A 3 -4.48 6.74 6.29
CA SER A 3 -5.41 5.73 5.79
C SER A 3 -4.76 4.91 4.67
N LEU A 4 -5.11 3.62 4.63
CA LEU A 4 -4.56 2.69 3.63
C LEU A 4 -5.63 1.66 3.28
N SER A 5 -5.71 1.28 2.02
CA SER A 5 -6.69 0.30 1.57
CA SER A 5 -6.69 0.29 1.58
C SER A 5 -6.18 -0.45 0.35
N PHE A 6 -6.52 -1.74 0.27
CA PHE A 6 -6.10 -2.56 -0.87
C PHE A 6 -7.07 -3.74 -0.99
N GLY A 7 -7.25 -4.22 -2.21
CA GLY A 7 -8.16 -5.34 -2.42
C GLY A 7 -7.70 -6.31 -3.47
N PHE A 8 -7.70 -7.60 -3.13
CA PHE A 8 -7.32 -8.66 -4.04
C PHE A 8 -8.56 -9.52 -4.32
N PRO A 9 -9.31 -9.24 -5.40
CA PRO A 9 -10.48 -10.06 -5.68
C PRO A 9 -10.04 -11.49 -5.97
N THR A 10 -8.87 -11.63 -6.57
CA THR A 10 -8.26 -12.92 -6.87
C THR A 10 -6.75 -12.70 -6.74
N PHE A 11 -5.96 -13.76 -6.95
CA PHE A 11 -4.52 -13.66 -6.82
C PHE A 11 -3.75 -14.13 -8.05
N PRO A 12 -3.58 -13.25 -9.05
CA PRO A 12 -2.83 -13.62 -10.27
C PRO A 12 -1.38 -13.92 -9.89
N SER A 13 -0.69 -14.68 -10.74
CA SER A 13 0.69 -15.06 -10.46
C SER A 13 1.69 -13.88 -10.47
N ASP A 14 1.33 -12.80 -11.14
CA ASP A 14 2.21 -11.63 -11.20
C ASP A 14 2.01 -10.72 -9.99
N GLN A 15 2.64 -11.04 -8.87
CA GLN A 15 2.51 -10.24 -7.65
C GLN A 15 3.75 -9.40 -7.37
N LYS A 16 3.55 -8.19 -6.89
CA LYS A 16 4.65 -7.28 -6.58
C LYS A 16 4.69 -6.79 -5.13
N ASN A 17 3.53 -6.74 -4.48
CA ASN A 17 3.46 -6.23 -3.10
C ASN A 17 3.22 -7.26 -1.99
N LEU A 18 3.55 -8.52 -2.26
CA LEU A 18 3.37 -9.57 -1.25
C LEU A 18 4.70 -10.18 -0.84
N ILE A 19 4.87 -10.38 0.45
CA ILE A 19 6.07 -11.00 1.00
C ILE A 19 5.71 -12.45 1.27
N PHE A 20 6.38 -13.37 0.59
CA PHE A 20 6.14 -14.80 0.75
C PHE A 20 7.15 -15.40 1.71
N GLN A 21 6.68 -16.19 2.67
CA GLN A 21 7.58 -16.84 3.63
C GLN A 21 7.22 -18.32 3.70
N GLY A 22 8.23 -19.16 3.91
CA GLY A 22 7.98 -20.60 3.99
C GLY A 22 7.59 -21.19 2.65
N ASP A 23 6.55 -22.02 2.63
CA ASP A 23 6.12 -22.67 1.39
C ASP A 23 4.99 -21.98 0.62
N ALA A 24 4.59 -20.78 1.04
CA ALA A 24 3.48 -20.10 0.37
C ALA A 24 3.77 -19.70 -1.08
N GLN A 25 2.79 -19.90 -1.95
CA GLN A 25 2.94 -19.54 -3.35
C GLN A 25 1.61 -19.38 -4.06
N ILE A 26 1.62 -18.67 -5.17
CA ILE A 26 0.42 -18.45 -5.97
C ILE A 26 0.25 -19.62 -6.92
N LYS A 27 -0.98 -20.11 -7.03
CA LYS A 27 -1.27 -21.23 -7.91
C LYS A 27 -2.77 -21.24 -8.19
N ASN A 28 -3.13 -21.18 -9.47
CA ASN A 28 -4.52 -21.16 -9.89
C ASN A 28 -5.29 -19.94 -9.37
N ASN A 29 -4.68 -18.77 -9.45
CA ASN A 29 -5.31 -17.52 -9.01
C ASN A 29 -5.69 -17.45 -7.53
N ALA A 30 -5.02 -18.26 -6.72
CA ALA A 30 -5.27 -18.29 -5.29
C ALA A 30 -3.92 -18.47 -4.61
N VAL A 31 -3.86 -18.16 -3.31
CA VAL A 31 -2.63 -18.34 -2.57
C VAL A 31 -2.66 -19.66 -1.81
N GLN A 32 -1.72 -20.55 -2.12
CA GLN A 32 -1.63 -21.83 -1.43
C GLN A 32 -0.61 -21.61 -0.32
N LEU A 33 -1.10 -21.45 0.91
CA LEU A 33 -0.22 -21.20 2.05
C LEU A 33 0.67 -22.39 2.39
N THR A 34 0.12 -23.59 2.27
CA THR A 34 0.89 -24.79 2.57
C THR A 34 1.20 -25.55 1.28
N LYS A 35 2.36 -26.22 1.27
CA LYS A 35 2.83 -26.97 0.11
C LYS A 35 1.86 -28.04 -0.42
N THR A 36 1.87 -28.22 -1.73
CA THR A 36 1.04 -29.22 -2.40
C THR A 36 1.91 -29.92 -3.45
N ASP A 37 1.55 -31.15 -3.82
CA ASP A 37 2.34 -31.88 -4.81
C ASP A 37 1.97 -31.50 -6.24
N SER A 38 2.51 -32.24 -7.19
CA SER A 38 2.26 -31.99 -8.61
C SER A 38 0.79 -32.05 -9.01
N ASN A 39 0.08 -33.07 -8.52
CA ASN A 39 -1.34 -33.24 -8.83
C ASN A 39 -2.26 -32.28 -8.05
N GLY A 40 -1.69 -31.56 -7.10
CA GLY A 40 -2.49 -30.61 -6.33
C GLY A 40 -2.94 -31.07 -4.96
N ASN A 41 -2.39 -32.19 -4.49
CA ASN A 41 -2.76 -32.71 -3.17
C ASN A 41 -1.84 -32.20 -2.07
N PRO A 42 -2.42 -31.97 -0.86
CA PRO A 42 -1.68 -31.49 0.30
C PRO A 42 -0.63 -32.48 0.80
N VAL A 43 0.44 -31.97 1.37
CA VAL A 43 1.52 -32.81 1.90
C VAL A 43 1.75 -32.48 3.36
N ALA A 44 2.43 -33.37 4.07
CA ALA A 44 2.71 -33.17 5.49
C ALA A 44 3.92 -32.27 5.73
N SER A 45 4.05 -31.82 6.97
CA SER A 45 5.16 -30.99 7.42
C SER A 45 5.45 -29.78 6.54
N THR A 46 4.52 -28.83 6.51
CA THR A 46 4.68 -27.62 5.72
C THR A 46 4.14 -26.39 6.43
N VAL A 47 4.81 -25.26 6.26
CA VAL A 47 4.41 -23.99 6.86
C VAL A 47 4.60 -22.89 5.83
N GLY A 48 3.65 -21.95 5.78
CA GLY A 48 3.75 -20.86 4.83
C GLY A 48 2.97 -19.64 5.29
N ARG A 49 3.43 -18.45 4.91
CA ARG A 49 2.76 -17.20 5.28
C ARG A 49 2.95 -16.14 4.18
N ILE A 50 2.08 -15.14 4.18
CA ILE A 50 2.18 -14.00 3.25
C ILE A 50 1.89 -12.75 4.06
N LEU A 51 2.50 -11.64 3.66
CA LEU A 51 2.30 -10.36 4.33
C LEU A 51 2.23 -9.27 3.26
N PHE A 52 1.43 -8.23 3.49
CA PHE A 52 1.37 -7.15 2.52
C PHE A 52 2.65 -6.33 2.77
N SER A 53 3.29 -5.85 1.70
CA SER A 53 4.54 -5.11 1.86
C SER A 53 4.45 -3.77 2.58
N ALA A 54 3.43 -2.97 2.27
CA ALA A 54 3.27 -1.68 2.92
C ALA A 54 2.91 -1.84 4.40
N GLN A 55 3.55 -1.06 5.25
CA GLN A 55 3.29 -1.11 6.69
C GLN A 55 2.03 -0.33 7.05
N VAL A 56 1.30 -0.83 8.04
CA VAL A 56 0.07 -0.20 8.49
C VAL A 56 0.29 0.59 9.78
N HIS A 57 -0.18 1.83 9.80
CA HIS A 57 -0.04 2.68 10.99
C HIS A 57 -1.25 2.37 11.88
N LEU A 58 -1.06 1.45 12.82
CA LEU A 58 -2.10 0.99 13.73
C LEU A 58 -2.51 2.02 14.80
N TRP A 59 -1.52 2.74 15.33
CA TRP A 59 -1.81 3.79 16.29
C TRP A 59 -0.68 4.82 16.32
N GLU A 60 -1.00 6.01 16.81
CA GLU A 60 -0.03 7.11 16.84
C GLU A 60 0.01 7.73 18.23
N LYS A 61 1.14 7.60 18.90
CA LYS A 61 1.32 8.14 20.25
C LYS A 61 1.16 9.66 20.33
N SER A 62 1.79 10.37 19.40
CA SER A 62 1.73 11.84 19.41
C SER A 62 0.31 12.41 19.39
N SER A 63 -0.51 11.95 18.46
CA SER A 63 -1.88 12.45 18.33
C SER A 63 -2.89 11.68 19.17
N SER A 64 -2.44 10.58 19.77
CA SER A 64 -3.31 9.75 20.59
C SER A 64 -4.44 9.14 19.76
N ARG A 65 -4.14 8.76 18.52
CA ARG A 65 -5.15 8.16 17.66
C ARG A 65 -4.92 6.67 17.52
N VAL A 66 -5.99 5.93 17.27
CA VAL A 66 -5.93 4.49 17.09
C VAL A 66 -6.73 4.18 15.82
N ALA A 67 -6.24 3.22 15.04
CA ALA A 67 -6.90 2.87 13.80
C ALA A 67 -8.12 1.98 13.90
N ASN A 68 -9.09 2.25 13.04
CA ASN A 68 -10.29 1.44 12.92
C ASN A 68 -9.96 0.64 11.67
N PHE A 69 -9.99 -0.68 11.75
CA PHE A 69 -9.68 -1.47 10.56
C PHE A 69 -10.67 -2.59 10.30
N GLN A 70 -10.67 -3.06 9.06
CA GLN A 70 -11.55 -4.12 8.62
C GLN A 70 -10.81 -4.99 7.62
N SER A 71 -10.93 -6.31 7.78
CA SER A 71 -10.29 -7.25 6.89
C SER A 71 -11.32 -8.29 6.46
N GLN A 72 -11.57 -8.37 5.17
CA GLN A 72 -12.54 -9.33 4.63
C GLN A 72 -11.79 -10.31 3.75
N PHE A 73 -12.05 -11.60 3.94
CA PHE A 73 -11.37 -12.61 3.15
C PHE A 73 -12.13 -13.92 3.07
N SER A 74 -11.73 -14.77 2.13
CA SER A 74 -12.36 -16.06 1.93
CA SER A 74 -12.36 -16.07 1.95
C SER A 74 -11.29 -17.13 1.74
N PHE A 75 -11.54 -18.32 2.26
CA PHE A 75 -10.58 -19.42 2.11
C PHE A 75 -11.35 -20.74 2.10
N SER A 76 -10.68 -21.79 1.64
CA SER A 76 -11.27 -23.12 1.60
C SER A 76 -10.20 -24.12 2.00
N LEU A 77 -10.63 -25.21 2.64
CA LEU A 77 -9.71 -26.25 3.09
C LEU A 77 -10.12 -27.56 2.44
N LYS A 78 -9.15 -28.32 1.95
CA LYS A 78 -9.43 -29.60 1.29
C LYS A 78 -8.42 -30.65 1.71
N SER A 79 -8.92 -31.86 1.97
CA SER A 79 -8.05 -32.96 2.39
C SER A 79 -8.63 -34.33 2.07
N PRO A 80 -7.79 -35.25 1.57
CA PRO A 80 -8.21 -36.61 1.23
C PRO A 80 -8.68 -37.34 2.49
N LEU A 81 -8.16 -36.89 3.63
CA LEU A 81 -8.52 -37.45 4.93
C LEU A 81 -9.80 -36.82 5.43
N SER A 82 -10.03 -36.93 6.74
CA SER A 82 -11.21 -36.36 7.37
C SER A 82 -10.71 -35.57 8.59
N ASN A 83 -9.46 -35.82 8.94
CA ASN A 83 -8.81 -35.17 10.07
C ASN A 83 -7.78 -34.17 9.55
N GLY A 84 -8.21 -33.27 8.67
CA GLY A 84 -7.29 -32.28 8.14
C GLY A 84 -6.73 -31.38 9.22
N ALA A 85 -5.46 -31.02 9.09
CA ALA A 85 -4.78 -30.14 10.06
C ALA A 85 -3.83 -29.22 9.30
N ASP A 86 -3.38 -28.14 9.93
CA ASP A 86 -3.71 -27.77 11.29
C ASP A 86 -4.61 -26.54 11.39
N GLY A 87 -4.60 -25.71 10.35
CA GLY A 87 -5.44 -24.52 10.39
C GLY A 87 -4.81 -23.31 9.73
N ILE A 88 -5.62 -22.27 9.56
CA ILE A 88 -5.16 -21.03 8.93
C ILE A 88 -5.47 -19.85 9.84
N ALA A 89 -4.67 -18.79 9.76
CA ALA A 89 -4.89 -17.64 10.62
C ALA A 89 -4.54 -16.30 9.99
N PHE A 90 -5.36 -15.31 10.29
CA PHE A 90 -5.13 -13.94 9.85
C PHE A 90 -4.35 -13.33 11.02
N PHE A 91 -3.25 -12.63 10.77
CA PHE A 91 -2.54 -12.07 11.91
C PHE A 91 -1.96 -10.67 11.67
N ILE A 92 -1.63 -10.02 12.78
CA ILE A 92 -1.06 -8.68 12.79
C ILE A 92 0.19 -8.76 13.68
N ALA A 93 1.32 -8.30 13.17
CA ALA A 93 2.58 -8.38 13.92
C ALA A 93 3.59 -7.29 13.53
N PRO A 94 4.72 -7.20 14.27
CA PRO A 94 5.73 -6.19 13.94
C PRO A 94 6.15 -6.41 12.49
N PRO A 95 6.57 -5.35 11.80
CA PRO A 95 6.99 -5.41 10.40
C PRO A 95 8.06 -6.44 10.02
N ASP A 96 9.00 -6.70 10.93
CA ASP A 96 10.08 -7.64 10.61
C ASP A 96 9.81 -9.09 11.00
N THR A 97 8.55 -9.42 11.29
CA THR A 97 8.21 -10.78 11.70
C THR A 97 8.62 -11.85 10.67
N THR A 98 9.06 -13.00 11.18
CA THR A 98 9.47 -14.13 10.35
C THR A 98 8.98 -15.42 11.02
N ILE A 99 8.95 -16.51 10.27
CA ILE A 99 8.51 -17.80 10.81
C ILE A 99 9.44 -18.26 11.92
N PRO A 100 8.91 -18.40 13.15
CA PRO A 100 9.72 -18.84 14.28
C PRO A 100 10.21 -20.27 14.08
N SER A 101 11.40 -20.57 14.57
CA SER A 101 11.98 -21.91 14.44
C SER A 101 11.09 -22.94 15.16
N GLY A 102 10.74 -24.00 14.43
CA GLY A 102 9.91 -25.06 15.00
C GLY A 102 8.46 -24.68 15.31
N SER A 103 7.89 -23.78 14.51
CA SER A 103 6.52 -23.33 14.72
C SER A 103 5.49 -24.09 13.87
N GLY A 104 5.84 -25.28 13.43
CA GLY A 104 4.93 -26.06 12.60
C GLY A 104 3.77 -26.69 13.37
N GLY A 105 2.99 -27.50 12.67
CA GLY A 105 1.86 -28.16 13.29
C GLY A 105 0.89 -27.22 13.97
N GLY A 106 0.51 -27.55 15.20
CA GLY A 106 -0.43 -26.74 15.95
C GLY A 106 -0.02 -25.34 16.36
N LEU A 107 1.23 -24.95 16.09
CA LEU A 107 1.67 -23.61 16.42
C LEU A 107 1.36 -22.66 15.27
N LEU A 108 0.77 -23.23 14.21
CA LEU A 108 0.32 -22.49 13.04
C LEU A 108 1.33 -21.57 12.35
N GLY A 109 2.61 -21.72 12.67
CA GLY A 109 3.63 -20.88 12.06
C GLY A 109 3.68 -19.49 12.67
N LEU A 110 3.07 -19.35 13.86
CA LEU A 110 3.03 -18.07 14.54
C LEU A 110 3.84 -17.98 15.83
N PHE A 111 3.99 -19.11 16.54
CA PHE A 111 4.74 -19.08 17.80
C PHE A 111 5.85 -20.10 17.87
N ALA A 112 6.82 -19.83 18.73
CA ALA A 112 7.95 -20.73 18.96
C ALA A 112 7.52 -21.68 20.08
N PRO A 113 8.00 -22.94 20.04
CA PRO A 113 7.65 -23.93 21.06
C PRO A 113 7.86 -23.51 22.51
N GLY A 114 9.04 -22.97 22.81
CA GLY A 114 9.35 -22.57 24.17
C GLY A 114 8.60 -21.40 24.76
N THR A 115 8.03 -20.54 23.91
CA THR A 115 7.31 -19.37 24.40
C THR A 115 5.89 -19.25 23.88
N ALA A 116 5.37 -20.32 23.28
CA ALA A 116 4.03 -20.33 22.71
C ALA A 116 2.92 -19.84 23.65
N GLN A 117 3.08 -20.05 24.95
CA GLN A 117 2.06 -19.62 25.90
C GLN A 117 2.53 -18.52 26.86
N ASN A 118 3.67 -17.92 26.56
CA ASN A 118 4.21 -16.83 27.38
C ASN A 118 3.76 -15.50 26.74
N THR A 119 2.72 -14.90 27.31
CA THR A 119 2.18 -13.64 26.78
C THR A 119 3.13 -12.46 26.78
N SER A 120 4.11 -12.47 27.68
CA SER A 120 5.06 -11.35 27.75
C SER A 120 6.24 -11.52 26.80
N ALA A 121 6.29 -12.64 26.08
CA ALA A 121 7.37 -12.89 25.15
C ALA A 121 6.94 -12.81 23.68
N ASN A 122 5.69 -12.42 23.44
CA ASN A 122 5.18 -12.33 22.07
C ASN A 122 4.50 -11.00 21.77
N GLN A 123 4.37 -10.70 20.48
CA GLN A 123 3.70 -9.49 19.99
C GLN A 123 2.92 -9.89 18.75
N VAL A 124 1.70 -10.37 18.96
CA VAL A 124 0.89 -10.79 17.84
C VAL A 124 -0.57 -10.93 18.21
N ILE A 125 -1.44 -10.55 17.29
CA ILE A 125 -2.86 -10.69 17.45
C ILE A 125 -3.25 -11.52 16.24
N ALA A 126 -4.02 -12.58 16.46
CA ALA A 126 -4.41 -13.43 15.35
C ALA A 126 -5.82 -13.99 15.51
N VAL A 127 -6.44 -14.30 14.38
CA VAL A 127 -7.77 -14.90 14.37
C VAL A 127 -7.52 -16.24 13.70
N GLU A 128 -7.65 -17.32 14.47
CA GLU A 128 -7.40 -18.65 13.94
C GLU A 128 -8.63 -19.48 13.63
N PHE A 129 -8.48 -20.36 12.64
CA PHE A 129 -9.50 -21.30 12.23
C PHE A 129 -8.76 -22.63 12.40
N ASP A 130 -8.95 -23.22 13.58
CA ASP A 130 -8.26 -24.43 14.02
C ASP A 130 -9.08 -25.71 13.81
N THR A 131 -8.54 -26.63 13.00
CA THR A 131 -9.25 -27.87 12.70
C THR A 131 -8.72 -29.12 13.41
N PHE A 132 -7.60 -29.00 14.11
CA PHE A 132 -7.00 -30.15 14.80
C PHE A 132 -6.83 -29.83 16.28
N TYR A 133 -7.39 -30.68 17.13
CA TYR A 133 -7.34 -30.46 18.58
C TYR A 133 -6.92 -31.63 19.46
N ALA A 134 -6.18 -32.59 18.90
CA ALA A 134 -5.74 -33.75 19.69
C ALA A 134 -5.07 -33.24 20.98
N GLN A 135 -5.63 -33.65 22.12
CA GLN A 135 -5.14 -33.22 23.43
C GLN A 135 -3.70 -33.60 23.79
N ASP A 136 -3.08 -34.48 23.02
CA ASP A 136 -1.70 -34.88 23.31
C ASP A 136 -0.71 -33.89 22.71
N SER A 137 -1.03 -33.36 21.53
CA SER A 137 -0.16 -32.40 20.84
C SER A 137 -0.64 -30.96 20.97
N ASN A 138 -1.96 -30.77 21.09
CA ASN A 138 -2.51 -29.42 21.23
C ASN A 138 -3.21 -29.30 22.58
N THR A 139 -2.43 -29.44 23.65
CA THR A 139 -2.94 -29.39 25.01
C THR A 139 -3.72 -28.11 25.34
N TRP A 140 -3.46 -27.05 24.59
CA TRP A 140 -4.11 -25.76 24.81
C TRP A 140 -5.49 -25.60 24.17
N ASP A 141 -5.86 -26.52 23.27
CA ASP A 141 -7.15 -26.42 22.58
C ASP A 141 -8.38 -27.04 23.24
N PRO A 142 -9.56 -26.46 22.99
CA PRO A 142 -10.79 -27.02 23.55
C PRO A 142 -10.88 -28.30 22.71
N ASN A 143 -11.66 -29.28 23.12
CA ASN A 143 -11.76 -30.54 22.39
CA ASN A 143 -11.72 -30.51 22.36
C ASN A 143 -12.81 -30.57 21.28
N TYR A 144 -12.63 -29.72 20.27
CA TYR A 144 -13.52 -29.61 19.11
C TYR A 144 -13.02 -28.49 18.19
N PRO A 145 -13.30 -28.58 16.88
CA PRO A 145 -12.87 -27.56 15.92
C PRO A 145 -13.40 -26.20 16.36
N HIS A 146 -12.64 -25.14 16.11
CA HIS A 146 -13.05 -23.83 16.56
C HIS A 146 -12.38 -22.63 15.90
N ILE A 147 -12.98 -21.47 16.11
CA ILE A 147 -12.43 -20.21 15.64
C ILE A 147 -11.98 -19.56 16.94
N GLY A 148 -10.79 -18.97 16.96
CA GLY A 148 -10.34 -18.36 18.19
C GLY A 148 -9.62 -17.05 17.99
N ILE A 149 -9.56 -16.25 19.04
CA ILE A 149 -8.85 -14.98 19.01
C ILE A 149 -7.61 -15.17 19.88
N ASP A 150 -6.44 -14.99 19.29
CA ASP A 150 -5.16 -15.16 19.97
C ASP A 150 -4.46 -13.82 20.24
N VAL A 151 -4.14 -13.58 21.50
CA VAL A 151 -3.43 -12.35 21.89
C VAL A 151 -2.14 -12.75 22.62
N ASN A 152 -1.04 -12.76 21.88
CA ASN A 152 0.29 -13.13 22.38
C ASN A 152 0.42 -14.56 22.93
N SER A 153 -0.48 -15.45 22.53
CA SER A 153 -0.44 -16.84 22.99
C SER A 153 -1.22 -17.75 22.07
N ILE A 154 -0.78 -19.01 21.96
CA ILE A 154 -1.46 -19.98 21.12
C ILE A 154 -2.74 -20.44 21.82
N ARG A 155 -2.85 -20.15 23.12
CA ARG A 155 -4.04 -20.52 23.89
C ARG A 155 -4.98 -19.32 23.76
N SER A 156 -5.98 -19.46 22.90
CA SER A 156 -6.94 -18.40 22.62
C SER A 156 -7.58 -17.80 23.87
N VAL A 157 -7.82 -16.49 23.86
CA VAL A 157 -8.47 -15.83 24.98
C VAL A 157 -9.97 -15.99 24.84
N LYS A 158 -10.42 -16.34 23.62
CA LYS A 158 -11.85 -16.53 23.36
C LYS A 158 -12.02 -17.46 22.15
N THR A 159 -12.93 -18.42 22.24
CA THR A 159 -13.16 -19.34 21.11
C THR A 159 -14.65 -19.60 20.92
N VAL A 160 -15.00 -20.15 19.75
CA VAL A 160 -16.38 -20.50 19.44
C VAL A 160 -16.34 -21.78 18.62
N LYS A 161 -17.26 -22.69 18.90
CA LYS A 161 -17.28 -23.96 18.15
C LYS A 161 -17.52 -23.65 16.69
N TRP A 162 -16.81 -24.38 15.83
CA TRP A 162 -16.90 -24.18 14.38
C TRP A 162 -16.94 -25.53 13.66
N ASP A 163 -17.50 -25.54 12.45
CA ASP A 163 -17.61 -26.76 11.66
C ASP A 163 -16.73 -26.69 10.42
N ARG A 164 -15.90 -27.70 10.22
CA ARG A 164 -15.02 -27.75 9.05
C ARG A 164 -15.77 -28.41 7.90
N ARG A 165 -15.83 -27.74 6.75
CA ARG A 165 -16.50 -28.30 5.58
C ARG A 165 -15.49 -28.41 4.44
N ASP A 166 -15.13 -29.63 4.10
CA ASP A 166 -14.13 -29.88 3.05
C ASP A 166 -14.56 -29.26 1.72
N GLY A 167 -13.66 -28.46 1.13
CA GLY A 167 -13.93 -27.84 -0.16
C GLY A 167 -14.87 -26.65 -0.24
N GLN A 168 -15.50 -26.26 0.87
CA GLN A 168 -16.41 -25.11 0.84
C GLN A 168 -15.72 -23.86 1.37
N SER A 169 -15.86 -22.75 0.64
CA SER A 169 -15.23 -21.49 1.03
CA SER A 169 -15.22 -21.51 1.04
C SER A 169 -15.95 -20.81 2.19
N LEU A 170 -15.17 -20.27 3.12
CA LEU A 170 -15.71 -19.57 4.27
C LEU A 170 -15.45 -18.07 4.08
N ASN A 171 -16.50 -17.26 4.22
CA ASN A 171 -16.40 -15.82 4.10
C ASN A 171 -16.21 -15.21 5.48
N VAL A 172 -15.16 -14.42 5.62
CA VAL A 172 -14.87 -13.83 6.92
C VAL A 172 -14.70 -12.33 6.95
N LEU A 173 -15.23 -11.71 8.00
CA LEU A 173 -15.14 -10.28 8.20
C LEU A 173 -14.56 -10.07 9.60
N VAL A 174 -13.42 -9.39 9.67
CA VAL A 174 -12.78 -9.08 10.95
C VAL A 174 -12.73 -7.56 11.05
N THR A 175 -13.25 -7.01 12.16
CA THR A 175 -13.27 -5.56 12.34
C THR A 175 -12.82 -5.15 13.75
N PHE A 176 -12.16 -4.00 13.82
CA PHE A 176 -11.71 -3.48 15.12
C PHE A 176 -12.20 -2.04 15.25
N ASN A 177 -12.94 -1.78 16.32
CA ASN A 177 -13.49 -0.47 16.61
C ASN A 177 -12.68 0.14 17.77
N PRO A 178 -11.89 1.18 17.50
CA PRO A 178 -11.08 1.83 18.55
C PRO A 178 -11.91 2.50 19.65
N SER A 179 -13.13 2.87 19.32
CA SER A 179 -14.02 3.53 20.27
C SER A 179 -14.44 2.61 21.41
N THR A 180 -14.71 1.34 21.08
CA THR A 180 -15.13 0.35 22.08
C THR A 180 -14.03 -0.67 22.35
N ARG A 181 -13.01 -0.68 21.49
CA ARG A 181 -11.91 -1.62 21.60
C ARG A 181 -12.35 -3.06 21.33
N ASN A 182 -13.46 -3.22 20.62
CA ASN A 182 -13.96 -4.54 20.29
C ASN A 182 -13.41 -5.08 18.98
N LEU A 183 -12.88 -6.30 19.03
CA LEU A 183 -12.38 -6.96 17.84
C LEU A 183 -13.48 -7.99 17.55
N ASP A 184 -14.19 -7.83 16.44
CA ASP A 184 -15.28 -8.73 16.08
C ASP A 184 -14.98 -9.60 14.89
N VAL A 185 -15.40 -10.86 14.98
CA VAL A 185 -15.19 -11.82 13.91
C VAL A 185 -16.53 -12.44 13.49
N VAL A 186 -16.83 -12.39 12.20
CA VAL A 186 -18.06 -12.95 11.67
C VAL A 186 -17.68 -13.83 10.47
N ALA A 187 -18.00 -15.12 10.55
CA ALA A 187 -17.68 -16.04 9.46
C ALA A 187 -18.95 -16.74 9.00
N THR A 188 -19.12 -16.88 7.68
CA THR A 188 -20.31 -17.51 7.14
CA THR A 188 -20.31 -17.52 7.15
C THR A 188 -20.04 -18.39 5.92
N TYR A 189 -20.84 -19.45 5.77
CA TYR A 189 -20.73 -20.35 4.63
C TYR A 189 -21.84 -19.88 3.70
N SER A 190 -21.77 -20.26 2.43
CA SER A 190 -22.76 -19.81 1.44
C SER A 190 -24.22 -20.10 1.78
N ASP A 191 -24.49 -21.13 2.58
CA ASP A 191 -25.86 -21.46 2.92
C ASP A 191 -26.43 -20.59 4.03
N GLY A 192 -25.60 -19.71 4.59
CA GLY A 192 -26.07 -18.85 5.65
C GLY A 192 -25.60 -19.22 7.04
N THR A 193 -24.98 -20.40 7.19
CA THR A 193 -24.50 -20.80 8.51
C THR A 193 -23.50 -19.72 8.96
N ARG A 194 -23.74 -19.16 10.13
CA ARG A 194 -22.95 -18.06 10.67
C ARG A 194 -22.27 -18.33 12.01
N TYR A 195 -21.04 -17.83 12.18
CA TYR A 195 -20.31 -18.00 13.43
C TYR A 195 -19.79 -16.63 13.88
N GLU A 196 -19.87 -16.36 15.18
CA GLU A 196 -19.42 -15.08 15.71
C GLU A 196 -18.63 -15.17 17.01
N VAL A 197 -17.61 -14.33 17.14
CA VAL A 197 -16.81 -14.28 18.34
C VAL A 197 -16.15 -12.91 18.42
N SER A 198 -16.08 -12.35 19.63
CA SER A 198 -15.49 -11.04 19.83
C SER A 198 -14.75 -10.97 21.15
N TYR A 199 -13.89 -9.98 21.28
CA TYR A 199 -13.10 -9.79 22.48
C TYR A 199 -12.63 -8.33 22.56
N GLU A 200 -12.58 -7.81 23.77
CA GLU A 200 -12.16 -6.44 23.97
C GLU A 200 -10.66 -6.40 24.21
N VAL A 201 -9.94 -5.64 23.38
CA VAL A 201 -8.49 -5.56 23.50
C VAL A 201 -7.94 -4.19 23.13
N ASP A 202 -6.97 -3.72 23.90
CA ASP A 202 -6.32 -2.44 23.64
C ASP A 202 -5.08 -2.74 22.82
N VAL A 203 -5.17 -2.53 21.51
CA VAL A 203 -4.04 -2.82 20.64
C VAL A 203 -2.77 -2.02 20.97
N ARG A 204 -2.93 -0.87 21.60
CA ARG A 204 -1.78 -0.04 21.95
C ARG A 204 -0.81 -0.71 22.93
N SER A 205 -1.33 -1.56 23.81
CA SER A 205 -0.46 -2.22 24.77
C SER A 205 0.08 -3.57 24.30
N VAL A 206 -0.31 -3.96 23.08
CA VAL A 206 0.12 -5.24 22.53
C VAL A 206 1.05 -5.13 21.32
N LEU A 207 0.79 -4.18 20.45
CA LEU A 207 1.58 -4.01 19.24
C LEU A 207 2.21 -2.62 19.08
N PRO A 208 3.30 -2.53 18.31
CA PRO A 208 3.97 -1.24 18.08
C PRO A 208 3.06 -0.36 17.20
N GLU A 209 3.46 0.89 16.97
CA GLU A 209 2.68 1.81 16.15
C GLU A 209 2.53 1.39 14.69
N TRP A 210 3.58 0.82 14.13
CA TRP A 210 3.54 0.35 12.74
C TRP A 210 3.61 -1.17 12.72
N VAL A 211 2.77 -1.80 11.90
CA VAL A 211 2.72 -3.24 11.82
C VAL A 211 2.53 -3.73 10.39
N ARG A 212 2.54 -5.05 10.22
CA ARG A 212 2.26 -5.65 8.92
C ARG A 212 1.14 -6.65 9.16
N VAL A 213 0.33 -6.91 8.14
CA VAL A 213 -0.78 -7.84 8.26
C VAL A 213 -0.66 -8.93 7.22
N GLY A 214 -1.19 -10.11 7.52
CA GLY A 214 -1.11 -11.21 6.58
C GLY A 214 -1.78 -12.48 7.07
N PHE A 215 -1.39 -13.62 6.50
CA PHE A 215 -1.96 -14.91 6.87
C PHE A 215 -0.88 -15.95 7.07
N SER A 216 -1.18 -16.96 7.88
CA SER A 216 -0.26 -18.05 8.15
C SER A 216 -1.03 -19.36 8.22
N ALA A 217 -0.37 -20.45 7.85
CA ALA A 217 -0.99 -21.76 7.89
C ALA A 217 0.10 -22.81 8.01
N ALA A 218 -0.28 -23.98 8.53
CA ALA A 218 0.67 -25.07 8.70
C ALA A 218 -0.02 -26.43 8.77
N SER A 219 0.74 -27.48 8.44
CA SER A 219 0.25 -28.85 8.51
C SER A 219 1.38 -29.69 9.09
N GLY A 220 1.07 -30.46 10.13
CA GLY A 220 2.07 -31.32 10.74
C GLY A 220 1.99 -32.68 10.07
N GLU A 221 1.73 -33.73 10.86
CA GLU A 221 1.61 -35.06 10.29
C GLU A 221 0.26 -35.22 9.59
N GLN A 222 -0.74 -34.48 10.07
CA GLN A 222 -2.06 -34.50 9.46
C GLN A 222 -2.01 -33.30 8.51
N TYR A 223 -2.73 -33.37 7.40
CA TYR A 223 -2.68 -32.28 6.43
C TYR A 223 -3.96 -31.96 5.67
N GLN A 224 -3.94 -30.80 5.02
CA GLN A 224 -5.05 -30.27 4.23
C GLN A 224 -4.51 -29.01 3.54
N THR A 225 -5.11 -28.64 2.43
CA THR A 225 -4.68 -27.44 1.72
C THR A 225 -5.28 -26.22 2.45
N HIS A 226 -4.57 -25.11 2.45
CA HIS A 226 -5.07 -23.88 3.08
C HIS A 226 -5.06 -22.84 1.96
N THR A 227 -6.16 -22.77 1.23
CA THR A 227 -6.29 -21.86 0.08
C THR A 227 -6.94 -20.51 0.33
N LEU A 228 -6.15 -19.44 0.22
CA LEU A 228 -6.67 -18.08 0.41
C LEU A 228 -7.15 -17.62 -0.97
N GLU A 229 -8.44 -17.35 -1.08
CA GLU A 229 -9.07 -16.97 -2.35
C GLU A 229 -9.22 -15.49 -2.65
N SER A 230 -9.50 -14.69 -1.63
CA SER A 230 -9.67 -13.24 -1.83
C SER A 230 -9.36 -12.53 -0.52
N TRP A 231 -9.02 -11.25 -0.61
CA TRP A 231 -8.67 -10.47 0.57
C TRP A 231 -8.73 -8.97 0.32
N SER A 232 -9.42 -8.25 1.20
CA SER A 232 -9.50 -6.80 1.12
C SER A 232 -9.23 -6.27 2.54
N PHE A 233 -8.57 -5.12 2.62
CA PHE A 233 -8.23 -4.55 3.91
C PHE A 233 -8.26 -3.02 3.87
N THR A 234 -8.73 -2.42 4.96
CA THR A 234 -8.81 -0.97 5.06
CA THR A 234 -8.81 -0.97 5.06
C THR A 234 -8.54 -0.56 6.50
N SER A 235 -7.79 0.54 6.68
CA SER A 235 -7.48 1.04 8.01
CA SER A 235 -7.50 1.05 8.02
C SER A 235 -7.48 2.57 7.99
N THR A 236 -7.99 3.18 9.05
CA THR A 236 -8.03 4.64 9.15
C THR A 236 -7.80 5.10 10.59
N LEU A 237 -6.79 5.94 10.80
CA LEU A 237 -6.53 6.45 12.15
C LEU A 237 -7.67 7.37 12.61
N LEU A 238 -8.30 7.03 13.74
CA LEU A 238 -9.38 7.85 14.26
C LEU A 238 -9.06 8.49 15.61
N TYR A 239 -9.62 9.67 15.81
CA TYR A 239 -9.41 10.46 17.03
C TYR A 239 -10.45 10.16 18.10
N THR A 240 -10.33 9.00 18.75
CA THR A 240 -11.29 8.61 19.79
C THR A 240 -10.73 8.97 21.17
N PCA B 1 -2.60 -6.20 -6.05
CA PCA B 1 -4.03 -5.87 -5.81
CB PCA B 1 -4.07 -5.06 -4.52
CG PCA B 1 -2.70 -4.50 -4.33
CD PCA B 1 -1.75 -5.39 -5.11
OE PCA B 1 -0.53 -5.24 -5.04
C PCA B 1 -4.64 -5.07 -6.95
O PCA B 1 -3.99 -4.24 -7.56
N ASP B 2 -5.92 -5.34 -7.22
CA ASP B 2 -6.64 -4.64 -8.27
C ASP B 2 -6.91 -3.19 -7.88
N SER B 3 -7.03 -2.95 -6.57
CA SER B 3 -7.30 -1.61 -6.06
C SER B 3 -6.36 -1.25 -4.91
N LEU B 4 -6.00 0.02 -4.85
CA LEU B 4 -5.09 0.53 -3.82
C LEU B 4 -5.38 2.00 -3.54
N SER B 5 -5.34 2.38 -2.28
CA SER B 5 -5.57 3.78 -1.93
C SER B 5 -4.85 4.12 -0.63
N PHE B 6 -4.44 5.37 -0.51
CA PHE B 6 -3.76 5.83 0.70
C PHE B 6 -3.92 7.34 0.79
N GLY B 7 -3.86 7.87 2.01
CA GLY B 7 -4.00 9.29 2.17
C GLY B 7 -3.10 9.86 3.25
N PHE B 8 -2.45 10.96 2.91
CA PHE B 8 -1.57 11.67 3.84
C PHE B 8 -2.15 13.08 4.05
N PRO B 9 -2.99 13.29 5.08
CA PRO B 9 -3.54 14.62 5.31
C PRO B 9 -2.39 15.59 5.66
N THR B 10 -1.34 15.03 6.27
CA THR B 10 -0.11 15.74 6.66
C THR B 10 1.00 14.70 6.57
N PHE B 11 2.24 15.12 6.76
CA PHE B 11 3.39 14.22 6.68
C PHE B 11 4.24 14.24 7.95
N PRO B 12 3.83 13.47 8.99
CA PRO B 12 4.61 13.42 10.23
C PRO B 12 6.00 12.87 9.91
N SER B 13 6.98 13.20 10.75
CA SER B 13 8.35 12.76 10.52
C SER B 13 8.57 11.25 10.54
N ASP B 14 7.66 10.54 11.20
CA ASP B 14 7.76 9.09 11.31
C ASP B 14 7.13 8.36 10.10
N GLN B 15 7.87 8.26 9.00
CA GLN B 15 7.38 7.62 7.79
C GLN B 15 8.01 6.25 7.53
N LYS B 16 7.21 5.32 7.02
CA LYS B 16 7.69 3.97 6.74
C LYS B 16 7.49 3.54 5.30
N ASN B 17 6.48 4.11 4.63
CA ASN B 17 6.17 3.72 3.25
C ASN B 17 6.56 4.68 2.14
N LEU B 18 7.49 5.59 2.41
CA LEU B 18 7.94 6.53 1.38
C LEU B 18 9.39 6.27 1.03
N ILE B 19 9.72 6.38 -0.25
CA ILE B 19 11.09 6.22 -0.71
C ILE B 19 11.60 7.63 -0.99
N PHE B 20 12.65 8.03 -0.27
CA PHE B 20 13.23 9.35 -0.43
C PHE B 20 14.45 9.28 -1.34
N GLN B 21 14.52 10.19 -2.33
CA GLN B 21 15.64 10.23 -3.24
C GLN B 21 16.19 11.64 -3.28
N GLY B 22 17.50 11.78 -3.43
CA GLY B 22 18.09 13.10 -3.48
C GLY B 22 18.03 13.82 -2.14
N ASP B 23 17.66 15.10 -2.16
CA ASP B 23 17.60 15.89 -0.94
C ASP B 23 16.25 15.93 -0.23
N ALA B 24 15.26 15.20 -0.75
CA ALA B 24 13.94 15.20 -0.14
C ALA B 24 13.93 14.72 1.31
N GLN B 25 13.16 15.40 2.15
CA GLN B 25 13.04 15.02 3.55
C GLN B 25 11.84 15.69 4.20
N ILE B 26 11.41 15.16 5.34
CA ILE B 26 10.26 15.73 6.06
C ILE B 26 10.70 16.82 7.04
N LYS B 27 9.98 17.93 7.04
CA LYS B 27 10.26 19.04 7.94
C LYS B 27 8.93 19.75 8.23
N ASN B 28 8.62 19.93 9.50
CA ASN B 28 7.40 20.60 9.92
C ASN B 28 6.12 20.00 9.33
N ASN B 29 5.98 18.68 9.42
CA ASN B 29 4.80 17.99 8.93
C ASN B 29 4.52 18.11 7.43
N ALA B 30 5.55 18.45 6.66
CA ALA B 30 5.42 18.56 5.21
C ALA B 30 6.68 18.01 4.55
N VAL B 31 6.59 17.65 3.28
CA VAL B 31 7.74 17.14 2.56
C VAL B 31 8.45 18.29 1.85
N GLN B 32 9.74 18.48 2.14
CA GLN B 32 10.53 19.51 1.47
C GLN B 32 11.28 18.74 0.39
N LEU B 33 10.84 18.86 -0.86
CA LEU B 33 11.48 18.14 -1.94
C LEU B 33 12.89 18.64 -2.21
N THR B 34 13.08 19.95 -2.15
CA THR B 34 14.40 20.54 -2.37
C THR B 34 15.00 20.99 -1.04
N LYS B 35 16.33 20.98 -0.98
CA LYS B 35 17.08 21.33 0.23
C LYS B 35 16.88 22.75 0.74
N THR B 36 16.80 22.88 2.06
CA THR B 36 16.64 24.17 2.73
C THR B 36 17.69 24.25 3.84
N ASP B 37 18.22 25.44 4.10
CA ASP B 37 19.22 25.58 5.17
C ASP B 37 18.56 25.47 6.53
N SER B 38 19.34 25.68 7.59
CA SER B 38 18.84 25.59 8.95
C SER B 38 17.70 26.57 9.24
N ASN B 39 17.67 27.69 8.52
CA ASN B 39 16.62 28.70 8.71
C ASN B 39 15.36 28.38 7.92
N GLY B 40 15.41 27.33 7.10
CA GLY B 40 14.25 26.97 6.30
C GLY B 40 14.24 27.71 4.98
N ASN B 41 15.37 28.32 4.63
CA ASN B 41 15.50 29.05 3.38
C ASN B 41 16.02 28.16 2.27
N PRO B 42 15.52 28.35 1.04
CA PRO B 42 15.92 27.56 -0.12
C PRO B 42 17.35 27.84 -0.56
N VAL B 43 18.01 26.82 -1.11
CA VAL B 43 19.37 26.96 -1.60
C VAL B 43 19.44 26.44 -3.03
N ALA B 44 20.47 26.83 -3.77
CA ALA B 44 20.61 26.42 -5.16
C ALA B 44 21.18 25.00 -5.31
N SER B 45 21.11 24.49 -6.54
CA SER B 45 21.65 23.18 -6.88
C SER B 45 21.15 22.04 -6.00
N THR B 46 19.86 21.75 -6.10
CA THR B 46 19.28 20.68 -5.31
C THR B 46 18.18 19.98 -6.10
N VAL B 47 18.03 18.68 -5.87
CA VAL B 47 17.02 17.87 -6.53
C VAL B 47 16.54 16.84 -5.51
N GLY B 48 15.25 16.53 -5.53
CA GLY B 48 14.72 15.56 -4.59
C GLY B 48 13.41 14.98 -5.10
N ARG B 49 13.12 13.74 -4.75
CA ARG B 49 11.87 13.08 -5.16
C ARG B 49 11.43 12.10 -4.09
N ILE B 50 10.14 11.75 -4.10
CA ILE B 50 9.59 10.75 -3.19
C ILE B 50 8.68 9.85 -4.01
N LEU B 51 8.58 8.59 -3.58
CA LEU B 51 7.72 7.61 -4.24
CA LEU B 51 7.73 7.60 -4.23
C LEU B 51 7.02 6.80 -3.16
N PHE B 52 5.79 6.37 -3.43
CA PHE B 52 5.10 5.57 -2.42
C PHE B 52 5.73 4.19 -2.65
N SER B 53 6.02 3.46 -1.58
CA SER B 53 6.68 2.15 -1.71
C SER B 53 5.90 1.07 -2.45
N ALA B 54 4.60 0.93 -2.18
CA ALA B 54 3.82 -0.10 -2.85
C ALA B 54 3.66 0.19 -4.34
N GLN B 55 3.83 -0.83 -5.18
CA GLN B 55 3.68 -0.65 -6.61
C GLN B 55 2.20 -0.63 -6.99
N VAL B 56 1.87 0.17 -8.00
CA VAL B 56 0.50 0.30 -8.47
C VAL B 56 0.28 -0.50 -9.74
N HIS B 57 -0.82 -1.24 -9.81
CA HIS B 57 -1.10 -2.05 -10.99
C HIS B 57 -1.90 -1.15 -11.92
N LEU B 58 -1.19 -0.51 -12.86
CA LEU B 58 -1.79 0.43 -13.81
C LEU B 58 -2.65 -0.22 -14.89
N TRP B 59 -2.18 -1.34 -15.43
CA TRP B 59 -2.95 -2.08 -16.43
C TRP B 59 -2.53 -3.55 -16.43
N GLU B 60 -3.40 -4.40 -16.97
CA GLU B 60 -3.13 -5.84 -16.99
C GLU B 60 -3.38 -6.42 -18.39
N LYS B 61 -2.31 -6.85 -19.04
CA LYS B 61 -2.40 -7.41 -20.39
C LYS B 61 -3.36 -8.58 -20.51
N SER B 62 -3.18 -9.59 -19.67
CA SER B 62 -4.01 -10.79 -19.71
C SER B 62 -5.53 -10.59 -19.56
N SER B 63 -5.96 -9.51 -18.90
CA SER B 63 -7.39 -9.29 -18.70
C SER B 63 -7.95 -8.09 -19.45
N SER B 64 -7.09 -7.37 -20.17
CA SER B 64 -7.52 -6.21 -20.93
C SER B 64 -8.13 -5.10 -20.04
N ARG B 65 -7.62 -4.95 -18.83
CA ARG B 65 -8.13 -3.92 -17.93
C ARG B 65 -7.12 -2.79 -17.77
N VAL B 66 -7.63 -1.59 -17.48
CA VAL B 66 -6.80 -0.42 -17.26
C VAL B 66 -7.31 0.31 -16.02
N ALA B 67 -6.40 0.84 -15.23
CA ALA B 67 -6.79 1.52 -14.00
C ALA B 67 -7.38 2.91 -14.14
N ASN B 68 -8.36 3.17 -13.28
CA ASN B 68 -8.99 4.48 -13.20
C ASN B 68 -8.31 5.00 -11.92
N PHE B 69 -7.62 6.14 -11.99
CA PHE B 69 -6.97 6.64 -10.79
C PHE B 69 -7.16 8.12 -10.57
N GLN B 70 -7.00 8.54 -9.32
CA GLN B 70 -7.14 9.94 -8.93
C GLN B 70 -6.06 10.28 -7.93
N SER B 71 -5.43 11.44 -8.11
CA SER B 71 -4.40 11.89 -7.20
C SER B 71 -4.74 13.33 -6.83
N GLN B 72 -4.97 13.56 -5.54
CA GLN B 72 -5.33 14.88 -5.03
C GLN B 72 -4.16 15.32 -4.17
N PHE B 73 -3.67 16.53 -4.37
CA PHE B 73 -2.55 17.01 -3.57
C PHE B 73 -2.46 18.53 -3.47
N SER B 74 -1.68 19.00 -2.49
CA SER B 74 -1.51 20.43 -2.26
CA SER B 74 -1.51 20.44 -2.30
C SER B 74 -0.05 20.77 -2.02
N PHE B 75 0.40 21.90 -2.55
CA PHE B 75 1.79 22.33 -2.36
C PHE B 75 1.89 23.84 -2.38
N SER B 76 3.04 24.35 -1.96
CA SER B 76 3.29 25.79 -1.95
C SER B 76 4.76 26.02 -2.28
N LEU B 77 5.03 27.14 -2.94
CA LEU B 77 6.38 27.49 -3.34
C LEU B 77 6.73 28.84 -2.72
N LYS B 78 7.97 28.98 -2.25
CA LYS B 78 8.37 30.24 -1.63
C LYS B 78 9.82 30.62 -1.99
N SER B 79 10.05 31.90 -2.27
CA SER B 79 11.39 32.36 -2.62
C SER B 79 11.56 33.87 -2.51
N PRO B 80 12.69 34.33 -1.94
CA PRO B 80 12.94 35.77 -1.81
C PRO B 80 13.29 36.38 -3.17
N LEU B 81 13.64 35.53 -4.13
CA LEU B 81 14.01 35.98 -5.48
C LEU B 81 12.80 36.32 -6.34
N SER B 82 13.01 37.13 -7.37
CA SER B 82 11.91 37.50 -8.26
C SER B 82 11.63 36.40 -9.28
N ASN B 83 12.55 35.45 -9.39
CA ASN B 83 12.40 34.36 -10.37
C ASN B 83 12.72 32.98 -9.80
N GLY B 84 11.93 32.54 -8.82
CA GLY B 84 12.14 31.23 -8.22
C GLY B 84 12.06 30.14 -9.26
N ALA B 85 12.88 29.11 -9.09
CA ALA B 85 12.96 27.99 -10.02
C ALA B 85 13.21 26.69 -9.24
N ASP B 86 13.01 25.52 -9.86
CA ASP B 86 12.57 25.37 -11.25
C ASP B 86 11.16 24.84 -11.40
N GLY B 87 10.63 24.18 -10.37
CA GLY B 87 9.28 23.65 -10.45
C GLY B 87 9.13 22.30 -9.77
N ILE B 88 7.89 21.85 -9.65
CA ILE B 88 7.57 20.58 -9.01
C ILE B 88 6.69 19.76 -9.94
N ALA B 89 6.78 18.43 -9.85
CA ALA B 89 5.96 17.58 -10.71
C ALA B 89 5.49 16.29 -10.05
N PHE B 90 4.25 15.92 -10.40
CA PHE B 90 3.66 14.67 -9.95
C PHE B 90 4.00 13.76 -11.12
N PHE B 91 4.51 12.56 -10.86
CA PHE B 91 4.86 11.67 -11.96
C PHE B 91 4.58 10.19 -11.73
N ILE B 92 4.56 9.47 -12.84
CA ILE B 92 4.32 8.02 -12.85
C ILE B 92 5.42 7.41 -13.71
N ALA B 93 6.15 6.44 -13.15
CA ALA B 93 7.25 5.82 -13.87
C ALA B 93 7.47 4.36 -13.43
N PRO B 94 8.42 3.65 -14.08
CA PRO B 94 8.71 2.27 -13.72
C PRO B 94 9.17 2.20 -12.27
N PRO B 95 8.88 1.10 -11.58
CA PRO B 95 9.24 0.88 -10.16
C PRO B 95 10.69 1.13 -9.75
N ASP B 96 11.63 0.87 -10.65
CA ASP B 96 13.05 1.06 -10.34
C ASP B 96 13.61 2.44 -10.69
N THR B 97 12.73 3.39 -10.95
CA THR B 97 13.17 4.74 -11.32
C THR B 97 14.04 5.43 -10.26
N THR B 98 15.11 6.08 -10.73
CA THR B 98 16.02 6.81 -9.85
C THR B 98 16.30 8.17 -10.51
N ILE B 99 16.91 9.08 -9.76
CA ILE B 99 17.23 10.40 -10.30
C ILE B 99 18.29 10.27 -11.38
N PRO B 100 17.97 10.65 -12.63
CA PRO B 100 18.91 10.58 -13.75
C PRO B 100 20.12 11.51 -13.57
N SER B 101 21.28 11.05 -14.02
CA SER B 101 22.50 11.85 -13.92
C SER B 101 22.34 13.17 -14.68
N GLY B 102 22.65 14.28 -14.02
CA GLY B 102 22.55 15.59 -14.63
C GLY B 102 21.13 16.07 -14.92
N SER B 103 20.17 15.61 -14.13
CA SER B 103 18.77 15.99 -14.33
C SER B 103 18.28 17.17 -13.51
N GLY B 104 19.21 18.00 -13.04
CA GLY B 104 18.83 19.15 -12.23
C GLY B 104 18.25 20.31 -13.02
N GLY B 105 17.98 21.41 -12.32
CA GLY B 105 17.44 22.59 -12.96
C GLY B 105 16.15 22.38 -13.74
N GLY B 106 16.14 22.84 -14.98
CA GLY B 106 14.96 22.72 -15.82
C GLY B 106 14.49 21.32 -16.20
N LEU B 107 15.32 20.30 -15.91
CA LEU B 107 14.93 18.93 -16.23
C LEU B 107 14.11 18.32 -15.09
N LEU B 108 13.91 19.10 -14.04
CA LEU B 108 13.10 18.73 -12.88
C LEU B 108 13.38 17.40 -12.20
N GLY B 109 14.57 16.86 -12.39
CA GLY B 109 14.92 15.60 -11.76
C GLY B 109 14.22 14.40 -12.42
N LEU B 110 13.63 14.63 -13.58
CA LEU B 110 12.92 13.59 -14.31
C LEU B 110 13.62 13.06 -15.57
N PHE B 111 14.39 13.92 -16.26
CA PHE B 111 15.06 13.50 -17.48
C PHE B 111 16.57 13.72 -17.50
N ALA B 112 17.24 12.96 -18.36
CA ALA B 112 18.68 13.07 -18.55
C ALA B 112 18.86 14.04 -19.71
N PRO B 113 19.90 14.89 -19.67
CA PRO B 113 20.17 15.87 -20.72
C PRO B 113 20.22 15.31 -22.15
N GLY B 114 20.90 14.18 -22.31
CA GLY B 114 21.03 13.58 -23.62
C GLY B 114 19.77 13.06 -24.29
N THR B 115 18.77 12.71 -23.50
CA THR B 115 17.53 12.18 -24.06
C THR B 115 16.26 12.86 -23.58
N ALA B 116 16.41 14.03 -22.96
CA ALA B 116 15.28 14.79 -22.43
C ALA B 116 14.13 15.00 -23.41
N GLN B 117 14.44 15.11 -24.70
CA GLN B 117 13.40 15.32 -25.68
C GLN B 117 13.21 14.17 -26.67
N ASN B 118 13.77 13.01 -26.33
CA ASN B 118 13.65 11.81 -27.17
C ASN B 118 12.57 10.93 -26.54
N THR B 119 11.36 10.99 -27.07
CA THR B 119 10.24 10.21 -26.54
C THR B 119 10.43 8.69 -26.56
N SER B 120 11.44 8.22 -27.29
CA SER B 120 11.70 6.79 -27.38
C SER B 120 12.65 6.28 -26.31
N ALA B 121 13.34 7.20 -25.63
CA ALA B 121 14.29 6.81 -24.60
C ALA B 121 13.74 6.97 -23.18
N ASN B 122 12.47 7.32 -23.05
CA ASN B 122 11.87 7.50 -21.73
C ASN B 122 10.54 6.81 -21.53
N GLN B 123 10.19 6.60 -20.27
CA GLN B 123 8.92 6.00 -19.88
C GLN B 123 8.43 6.77 -18.66
N VAL B 124 7.71 7.86 -18.90
CA VAL B 124 7.22 8.66 -17.80
C VAL B 124 6.08 9.60 -18.20
N ILE B 125 5.10 9.72 -17.32
CA ILE B 125 4.00 10.63 -17.52
C ILE B 125 4.06 11.54 -16.30
N ALA B 126 4.02 12.85 -16.53
CA ALA B 126 4.10 13.80 -15.42
C ALA B 126 3.29 15.06 -15.65
N VAL B 127 2.85 15.66 -14.55
CA VAL B 127 2.11 16.91 -14.60
C VAL B 127 3.04 17.89 -13.89
N GLU B 128 3.56 18.85 -14.64
CA GLU B 128 4.50 19.82 -14.08
C GLU B 128 3.91 21.21 -13.83
N PHE B 129 4.48 21.87 -12.82
CA PHE B 129 4.13 23.23 -12.44
C PHE B 129 5.49 23.91 -12.56
N ASP B 130 5.72 24.49 -13.73
CA ASP B 130 6.98 25.10 -14.10
C ASP B 130 7.03 26.60 -13.92
N THR B 131 7.93 27.08 -13.07
CA THR B 131 8.05 28.50 -12.79
C THR B 131 9.21 29.23 -13.47
N PHE B 132 10.14 28.48 -14.09
CA PHE B 132 11.29 29.09 -14.73
C PHE B 132 11.26 28.79 -16.23
N TYR B 133 11.25 29.84 -17.04
CA TYR B 133 11.15 29.70 -18.47
C TYR B 133 12.13 30.52 -19.33
N ALA B 134 13.32 30.80 -18.79
CA ALA B 134 14.31 31.57 -19.53
C ALA B 134 14.53 30.93 -20.90
N GLN B 135 14.18 31.68 -21.94
CA GLN B 135 14.28 31.21 -23.32
C GLN B 135 15.68 30.84 -23.81
N ASP B 136 16.70 31.08 -22.99
CA ASP B 136 18.06 30.76 -23.37
C ASP B 136 18.53 29.42 -22.80
N SER B 137 17.89 28.97 -21.73
CA SER B 137 18.23 27.70 -21.10
C SER B 137 17.10 26.68 -21.26
N ASN B 138 15.88 27.11 -20.98
CA ASN B 138 14.72 26.23 -21.12
C ASN B 138 14.07 26.54 -22.47
N THR B 139 14.82 26.24 -23.54
CA THR B 139 14.37 26.51 -24.91
C THR B 139 13.08 25.82 -25.32
N TRP B 140 12.70 24.79 -24.57
CA TRP B 140 11.48 24.04 -24.86
C TRP B 140 10.22 24.62 -24.21
N ASP B 141 10.39 25.56 -23.29
CA ASP B 141 9.26 26.19 -22.60
C ASP B 141 8.61 27.38 -23.27
N PRO B 142 7.30 27.58 -23.02
CA PRO B 142 6.57 28.72 -23.57
C PRO B 142 7.12 29.87 -22.72
N ASN B 143 6.94 31.12 -23.13
CA ASN B 143 7.51 32.22 -22.36
C ASN B 143 6.63 32.77 -21.23
N TYR B 144 6.38 31.92 -20.23
CA TYR B 144 5.57 32.28 -19.06
C TYR B 144 5.38 31.06 -18.15
N PRO B 145 5.13 31.30 -16.84
CA PRO B 145 4.92 30.16 -15.93
C PRO B 145 3.73 29.35 -16.44
N HIS B 146 3.77 28.03 -16.29
CA HIS B 146 2.70 27.21 -16.82
C HIS B 146 2.54 25.84 -16.18
N ILE B 147 1.41 25.22 -16.46
CA ILE B 147 1.13 23.87 -16.02
C ILE B 147 1.30 23.06 -17.31
N GLY B 148 2.03 21.96 -17.23
CA GLY B 148 2.24 21.15 -18.43
C GLY B 148 2.06 19.67 -18.21
N ILE B 149 1.66 18.97 -19.27
CA ILE B 149 1.50 17.53 -19.23
C ILE B 149 2.65 16.98 -20.05
N ASP B 150 3.50 16.17 -19.41
CA ASP B 150 4.66 15.61 -20.06
C ASP B 150 4.50 14.11 -20.30
N VAL B 151 4.81 13.68 -21.53
CA VAL B 151 4.74 12.27 -21.90
C VAL B 151 6.05 11.90 -22.58
N ASN B 152 6.95 11.29 -21.81
CA ASN B 152 8.27 10.86 -22.29
C ASN B 152 9.20 11.97 -22.78
N SER B 153 8.87 13.22 -22.46
CA SER B 153 9.71 14.35 -22.88
C SER B 153 9.52 15.60 -22.00
N ILE B 154 10.59 16.37 -21.85
CA ILE B 154 10.54 17.59 -21.06
C ILE B 154 9.74 18.66 -21.83
N ARG B 155 9.62 18.50 -23.14
CA ARG B 155 8.83 19.43 -23.94
C ARG B 155 7.39 18.92 -23.85
N SER B 156 6.61 19.56 -22.99
CA SER B 156 5.21 19.20 -22.74
C SER B 156 4.37 18.98 -23.99
N VAL B 157 3.48 17.97 -23.96
CA VAL B 157 2.61 17.73 -25.11
C VAL B 157 1.63 18.88 -25.18
N LYS B 158 1.49 19.59 -24.05
CA LYS B 158 0.64 20.78 -23.99
C LYS B 158 0.80 21.51 -22.67
N THR B 159 0.56 22.81 -22.70
CA THR B 159 0.67 23.66 -21.51
C THR B 159 -0.47 24.66 -21.46
N VAL B 160 -0.66 25.27 -20.29
CA VAL B 160 -1.66 26.31 -20.10
C VAL B 160 -1.02 27.35 -19.18
N LYS B 161 -1.38 28.61 -19.37
CA LYS B 161 -0.84 29.69 -18.56
C LYS B 161 -1.23 29.53 -17.10
N TRP B 162 -0.27 29.75 -16.21
CA TRP B 162 -0.49 29.59 -14.77
C TRP B 162 0.18 30.73 -14.01
N ASP B 163 -0.38 31.10 -12.87
CA ASP B 163 0.22 32.18 -12.09
C ASP B 163 0.87 31.63 -10.83
N ARG B 164 2.13 32.01 -10.60
CA ARG B 164 2.87 31.58 -9.41
C ARG B 164 2.51 32.57 -8.30
N ARG B 165 2.15 32.06 -7.13
CA ARG B 165 1.81 32.93 -6.01
C ARG B 165 2.64 32.48 -4.81
N ASP B 166 3.61 33.31 -4.45
CA ASP B 166 4.53 33.00 -3.37
C ASP B 166 3.80 32.70 -2.06
N GLY B 167 4.14 31.58 -1.45
CA GLY B 167 3.54 31.21 -0.17
C GLY B 167 2.07 30.81 -0.12
N GLN B 168 1.43 30.64 -1.27
CA GLN B 168 0.03 30.24 -1.29
C GLN B 168 -0.12 28.79 -1.75
N SER B 169 -0.97 28.04 -1.07
CA SER B 169 -1.19 26.64 -1.41
C SER B 169 -2.05 26.46 -2.65
N LEU B 170 -1.61 25.55 -3.53
CA LEU B 170 -2.37 25.25 -4.74
C LEU B 170 -2.93 23.82 -4.55
N ASN B 171 -4.23 23.65 -4.70
CA ASN B 171 -4.83 22.32 -4.57
C ASN B 171 -5.00 21.76 -5.99
N VAL B 172 -4.55 20.52 -6.19
CA VAL B 172 -4.60 19.90 -7.49
C VAL B 172 -5.29 18.54 -7.50
N LEU B 173 -6.08 18.29 -8.54
CA LEU B 173 -6.74 17.00 -8.71
C LEU B 173 -6.39 16.47 -10.10
N VAL B 174 -5.71 15.32 -10.14
CA VAL B 174 -5.32 14.69 -11.41
C VAL B 174 -6.10 13.38 -11.51
N THR B 175 -6.83 13.20 -12.61
CA THR B 175 -7.61 11.97 -12.78
C THR B 175 -7.43 11.37 -14.17
N PHE B 176 -7.56 10.05 -14.25
CA PHE B 176 -7.46 9.33 -15.51
C PHE B 176 -8.63 8.38 -15.66
N ASN B 177 -9.37 8.54 -16.76
CA ASN B 177 -10.52 7.71 -17.05
C ASN B 177 -10.15 6.77 -18.21
N PRO B 178 -10.04 5.47 -17.96
CA PRO B 178 -9.67 4.49 -18.98
C PRO B 178 -10.65 4.36 -20.16
N SER B 179 -11.91 4.71 -19.93
CA SER B 179 -12.92 4.62 -21.00
C SER B 179 -12.68 5.65 -22.10
N THR B 180 -12.38 6.88 -21.70
CA THR B 180 -12.15 7.96 -22.64
C THR B 180 -10.66 8.21 -22.87
N ARG B 181 -9.84 7.62 -22.00
CA ARG B 181 -8.38 7.79 -22.05
C ARG B 181 -7.95 9.24 -21.81
N ASN B 182 -8.80 10.00 -21.13
CA ASN B 182 -8.51 11.39 -20.80
C ASN B 182 -7.80 11.56 -19.46
N LEU B 183 -6.70 12.30 -19.49
CA LEU B 183 -5.96 12.63 -18.28
C LEU B 183 -6.37 14.08 -18.00
N ASP B 184 -7.10 14.30 -16.91
CA ASP B 184 -7.57 15.63 -16.57
C ASP B 184 -6.85 16.24 -15.38
N VAL B 185 -6.56 17.54 -15.47
CA VAL B 185 -5.90 18.26 -14.39
C VAL B 185 -6.72 19.49 -14.01
N VAL B 186 -7.03 19.63 -12.72
CA VAL B 186 -7.77 20.80 -12.25
C VAL B 186 -7.00 21.33 -11.05
N ALA B 187 -6.61 22.60 -11.10
CA ALA B 187 -5.86 23.20 -9.99
C ALA B 187 -6.54 24.48 -9.55
N THR B 188 -6.56 24.73 -8.24
CA THR B 188 -7.20 25.95 -7.73
C THR B 188 -6.48 26.59 -6.53
N TYR B 189 -6.56 27.90 -6.44
CA TYR B 189 -6.00 28.62 -5.30
C TYR B 189 -7.20 28.86 -4.36
N SER B 190 -6.94 29.26 -3.12
CA SER B 190 -8.00 29.45 -2.14
C SER B 190 -9.03 30.55 -2.44
N ASP B 191 -8.73 31.44 -3.38
CA ASP B 191 -9.67 32.50 -3.72
C ASP B 191 -10.60 32.07 -4.85
N GLY B 192 -10.46 30.82 -5.29
CA GLY B 192 -11.31 30.32 -6.36
C GLY B 192 -10.71 30.33 -7.76
N THR B 193 -9.54 30.95 -7.93
CA THR B 193 -8.90 30.99 -9.25
C THR B 193 -8.64 29.54 -9.69
N ARG B 194 -9.10 29.22 -10.90
CA ARG B 194 -9.04 27.85 -11.43
C ARG B 194 -8.24 27.68 -12.73
N TYR B 195 -7.53 26.57 -12.85
CA TYR B 195 -6.76 26.27 -14.07
C TYR B 195 -7.12 24.83 -14.48
N GLU B 196 -7.34 24.61 -15.78
CA GLU B 196 -7.70 23.28 -16.27
C GLU B 196 -6.98 22.91 -17.56
N VAL B 197 -6.55 21.66 -17.67
CA VAL B 197 -5.89 21.17 -18.87
C VAL B 197 -6.17 19.68 -18.99
N SER B 198 -6.39 19.21 -20.21
CA SER B 198 -6.70 17.80 -20.45
C SER B 198 -5.97 17.24 -21.68
N TYR B 199 -5.69 15.94 -21.66
CA TYR B 199 -5.00 15.31 -22.79
C TYR B 199 -5.39 13.84 -22.91
N GLU B 200 -5.60 13.39 -24.15
CA GLU B 200 -5.97 11.99 -24.38
C GLU B 200 -4.71 11.16 -24.56
N VAL B 201 -4.57 10.12 -23.75
CA VAL B 201 -3.38 9.27 -23.86
C VAL B 201 -3.65 7.84 -23.42
N ASP B 202 -3.14 6.89 -24.21
CA ASP B 202 -3.29 5.48 -23.87
C ASP B 202 -2.06 5.10 -23.04
N VAL B 203 -2.24 4.98 -21.74
CA VAL B 203 -1.13 4.66 -20.86
C VAL B 203 -0.44 3.32 -21.13
N ARG B 204 -1.16 2.39 -21.75
CA ARG B 204 -0.59 1.07 -22.05
C ARG B 204 0.58 1.12 -23.04
N SER B 205 0.61 2.15 -23.88
CA SER B 205 1.68 2.26 -24.86
C SER B 205 2.84 3.10 -24.35
N VAL B 206 2.73 3.60 -23.13
CA VAL B 206 3.76 4.44 -22.54
C VAL B 206 4.42 3.86 -21.29
N LEU B 207 3.63 3.21 -20.44
CA LEU B 207 4.15 2.67 -19.20
C LEU B 207 3.94 1.16 -19.02
N PRO B 208 4.80 0.52 -18.22
CA PRO B 208 4.68 -0.93 -17.97
C PRO B 208 3.41 -1.19 -17.13
N GLU B 209 3.09 -2.46 -16.92
CA GLU B 209 1.90 -2.85 -16.15
C GLU B 209 1.92 -2.38 -14.70
N TRP B 210 3.09 -2.47 -14.07
CA TRP B 210 3.23 -2.02 -12.68
C TRP B 210 4.14 -0.80 -12.64
N VAL B 211 3.76 0.18 -11.83
CA VAL B 211 4.52 1.42 -11.72
C VAL B 211 4.53 1.96 -10.31
N ARG B 212 5.30 3.03 -10.11
CA ARG B 212 5.34 3.71 -8.82
C ARG B 212 4.96 5.16 -9.11
N VAL B 213 4.35 5.81 -8.14
CA VAL B 213 3.91 7.20 -8.30
C VAL B 213 4.56 8.07 -7.23
N GLY B 214 4.76 9.35 -7.55
CA GLY B 214 5.39 10.23 -6.58
C GLY B 214 5.56 11.65 -7.09
N PHE B 215 6.46 12.39 -6.46
CA PHE B 215 6.73 13.77 -6.84
C PHE B 215 8.22 14.04 -7.00
N SER B 216 8.54 15.06 -7.79
CA SER B 216 9.91 15.44 -8.07
C SER B 216 10.00 16.96 -8.14
N ALA B 217 11.15 17.52 -7.77
CA ALA B 217 11.35 18.97 -7.83
C ALA B 217 12.84 19.26 -7.89
N ALA B 218 13.20 20.43 -8.39
CA ALA B 218 14.60 20.82 -8.49
C ALA B 218 14.78 22.32 -8.55
N SER B 219 16.01 22.75 -8.26
CA SER B 219 16.39 24.16 -8.32
C SER B 219 17.83 24.22 -8.84
N GLY B 220 18.09 25.11 -9.79
CA GLY B 220 19.42 25.27 -10.34
C GLY B 220 20.06 26.49 -9.71
N GLU B 221 20.44 27.47 -10.52
CA GLU B 221 21.05 28.70 -10.03
C GLU B 221 19.99 29.53 -9.30
N GLN B 222 18.76 29.49 -9.80
CA GLN B 222 17.64 30.19 -9.17
C GLN B 222 16.98 29.13 -8.28
N TYR B 223 16.42 29.55 -7.15
CA TYR B 223 15.83 28.59 -6.23
C TYR B 223 14.56 29.03 -5.52
N GLN B 224 13.86 28.04 -4.96
CA GLN B 224 12.62 28.24 -4.21
C GLN B 224 12.34 26.93 -3.47
N THR B 225 11.53 26.99 -2.43
CA THR B 225 11.17 25.77 -1.72
C THR B 225 10.04 25.11 -2.53
N HIS B 226 9.94 23.80 -2.46
CA HIS B 226 8.89 23.05 -3.14
C HIS B 226 8.33 22.16 -2.03
N THR B 227 7.28 22.64 -1.37
CA THR B 227 6.70 21.97 -0.23
C THR B 227 5.40 21.20 -0.50
N LEU B 228 5.45 19.88 -0.38
CA LEU B 228 4.28 19.03 -0.57
C LEU B 228 3.58 18.98 0.78
N GLU B 229 2.36 19.50 0.84
CA GLU B 229 1.58 19.58 2.07
C GLU B 229 0.63 18.43 2.37
N SER B 230 0.03 17.83 1.35
CA SER B 230 -0.88 16.71 1.55
C SER B 230 -0.97 15.91 0.26
N TRP B 231 -1.41 14.66 0.36
CA TRP B 231 -1.54 13.81 -0.81
C TRP B 231 -2.42 12.60 -0.57
N SER B 232 -3.37 12.39 -1.48
CA SER B 232 -4.28 11.26 -1.42
CA SER B 232 -4.28 11.26 -1.42
C SER B 232 -4.27 10.61 -2.80
N PHE B 233 -4.29 9.28 -2.83
CA PHE B 233 -4.27 8.57 -4.11
C PHE B 233 -5.14 7.32 -4.08
N THR B 234 -5.81 7.04 -5.19
CA THR B 234 -6.66 5.85 -5.31
C THR B 234 -6.59 5.33 -6.75
N SER B 235 -6.58 4.01 -6.91
CA SER B 235 -6.55 3.39 -8.23
CA SER B 235 -6.53 3.39 -8.22
C SER B 235 -7.29 2.06 -8.19
N THR B 236 -8.04 1.79 -9.27
CA THR B 236 -8.79 0.55 -9.37
CA THR B 236 -8.80 0.54 -9.38
C THR B 236 -8.86 0.09 -10.83
N LEU B 237 -8.56 -1.18 -11.07
CA LEU B 237 -8.60 -1.74 -12.43
C LEU B 237 -10.02 -1.90 -12.93
N LEU B 238 -10.27 -1.46 -14.16
CA LEU B 238 -11.59 -1.56 -14.78
C LEU B 238 -11.54 -2.18 -16.18
N TYR B 239 -12.67 -2.74 -16.61
CA TYR B 239 -12.77 -3.35 -17.93
C TYR B 239 -12.97 -2.24 -18.98
N THR B 240 -12.26 -2.34 -20.09
CA THR B 240 -12.36 -1.34 -21.17
C THR B 240 -12.39 -1.99 -22.56
CA CA C . -4.91 -26.85 17.09
CA CA D . -6.69 -23.43 18.80
CA CA E . 11.25 25.32 -17.04
CA CA F . 7.92 23.38 -18.88
#